data_2JEN
#
_entry.id   2JEN
#
_cell.length_a   114.629
_cell.length_b   114.629
_cell.length_c   110.302
_cell.angle_alpha   90.00
_cell.angle_beta   90.00
_cell.angle_gamma   120.00
#
_symmetry.space_group_name_H-M   'H 3 2'
#
loop_
_entity.id
_entity.type
_entity.pdbx_description
1 polymer ENDO-BETA-1,4-GLUCANASE
2 branched beta-D-glucopyranose-(1-4)-[alpha-D-xylopyranose-(1-6)]beta-D-glucopyranose-(1-4)-[alpha-D-xylopyranose-(1-6)]alpha-D-glucopyranose-(1-4)-alpha-D-glucopyranose
3 branched alpha-D-xylopyranose-(1-6)-alpha-D-glucopyranose-(1-4)-[alpha-D-xylopyranose-(1-6)]alpha-D-glucopyranose
4 non-polymer '1,4-DIETHYLENE DIOXIDE'
5 non-polymer GLYCEROL
6 non-polymer 'SULFATE ION'
7 water water
#
_entity_poly.entity_id   1
_entity_poly.type   'polypeptide(L)'
_entity_poly.pdbx_seq_one_letter_code
;MKNNHLLKSILLWGAVCIIVLAGPLSAFAASSSNPSDKLYFKNKKYYIFNNVWGADQVSGWWQTIYHNSDSDMGWVWNWP
SNTSTVKAYPSIVSGWHWTEGYTAGSGFPTRLSDQKNINTKVSYSISANGTYNAAYDIWLHNTNKASWDSAPTDAIMIWL
NNTNAGPAGSYVETVSIGGHSWKVYKGYIDAGGGKGWNVFSFIRTANTQSANLNIRDFTNYLADSKQWLSKTKYVSSVEF
GTEVFGGTGQINISNWDVTVR
;
_entity_poly.pdbx_strand_id   A
#
# COMPACT_ATOMS: atom_id res chain seq x y z
N ALA A 29 11.69 -0.18 21.35
CA ALA A 29 10.28 -0.14 20.90
C ALA A 29 9.78 1.28 21.00
N ALA A 30 8.82 1.61 20.16
CA ALA A 30 8.18 2.91 20.14
C ALA A 30 6.78 2.84 19.55
N SER A 31 5.94 3.82 19.91
N SER A 31 5.98 3.84 19.85
CA SER A 31 4.55 3.91 19.47
CA SER A 31 4.74 4.03 19.18
C SER A 31 4.02 5.35 19.44
C SER A 31 4.57 5.52 18.99
N SER A 32 3.57 5.79 18.26
N SER A 32 3.51 5.90 18.27
CA SER A 32 3.31 7.19 18.05
CA SER A 32 3.36 7.28 17.86
C SER A 32 1.89 7.38 17.52
C SER A 32 1.94 7.48 17.34
N SER A 33 1.30 8.57 17.74
CA SER A 33 -0.12 8.72 17.54
CA SER A 33 -0.13 8.74 17.60
C SER A 33 -0.57 9.98 16.83
N ASN A 34 0.33 10.86 16.43
CA ASN A 34 -0.07 12.07 15.73
C ASN A 34 -0.11 11.86 14.22
N PRO A 35 -0.89 12.71 13.53
CA PRO A 35 -1.00 12.57 12.09
C PRO A 35 0.37 12.64 11.42
N SER A 36 0.60 11.74 10.47
CA SER A 36 1.81 11.70 9.64
C SER A 36 3.08 11.37 10.39
N ASP A 37 2.97 10.90 11.64
CA ASP A 37 4.15 10.38 12.34
C ASP A 37 4.79 9.23 11.57
N LYS A 38 6.10 9.08 11.75
CA LYS A 38 6.88 8.06 11.05
C LYS A 38 7.78 7.33 12.03
N LEU A 39 7.74 6.01 11.98
CA LEU A 39 8.66 5.16 12.69
C LEU A 39 9.53 4.41 11.69
N TYR A 40 10.77 4.85 11.54
CA TYR A 40 11.68 4.23 10.58
C TYR A 40 12.22 2.93 11.14
N PHE A 41 12.57 2.00 10.24
CA PHE A 41 13.21 0.76 10.65
C PHE A 41 14.00 0.20 9.49
N LYS A 42 14.85 -0.78 9.79
CA LYS A 42 15.73 -1.38 8.77
CA LYS A 42 15.75 -1.39 8.81
C LYS A 42 16.64 -0.35 8.12
N ASN A 43 17.43 0.37 8.93
CA ASN A 43 18.34 1.38 8.43
CA ASN A 43 18.34 1.39 8.44
C ASN A 43 17.63 2.40 7.56
N LYS A 44 16.42 2.78 8.00
CA LYS A 44 15.58 3.76 7.33
C LYS A 44 15.17 3.35 5.89
N LYS A 45 15.23 2.07 5.57
CA LYS A 45 14.70 1.58 4.28
C LYS A 45 13.18 1.65 4.28
N TYR A 46 12.58 1.53 5.45
CA TYR A 46 11.12 1.57 5.58
C TYR A 46 10.73 2.54 6.66
N TYR A 47 9.48 2.97 6.62
CA TYR A 47 8.86 3.56 7.83
C TYR A 47 7.44 3.18 7.93
N ILE A 48 6.98 2.98 9.15
CA ILE A 48 5.57 2.90 9.45
C ILE A 48 5.09 4.36 9.47
N PHE A 49 3.95 4.57 8.83
CA PHE A 49 3.43 5.92 8.59
C PHE A 49 1.99 6.07 9.09
N ASN A 50 1.78 7.02 9.99
CA ASN A 50 0.46 7.24 10.59
C ASN A 50 -0.35 8.10 9.64
N ASN A 51 -0.71 7.50 8.50
CA ASN A 51 -1.34 8.20 7.38
C ASN A 51 -2.83 8.33 7.60
N VAL A 52 -3.30 9.56 7.79
CA VAL A 52 -4.68 9.86 8.08
C VAL A 52 -5.27 10.77 7.00
N TRP A 53 -5.02 10.44 5.73
CA TRP A 53 -5.30 11.36 4.65
C TRP A 53 -6.77 11.73 4.47
N GLY A 54 -7.66 10.87 4.92
CA GLY A 54 -9.09 11.05 4.71
C GLY A 54 -9.85 11.51 5.93
N ALA A 55 -9.14 12.05 6.93
CA ALA A 55 -9.73 12.30 8.24
C ALA A 55 -10.32 13.68 8.47
N ASP A 56 -10.19 14.61 7.50
CA ASP A 56 -10.50 16.02 7.78
C ASP A 56 -11.92 16.27 8.26
N GLN A 57 -12.89 15.51 7.75
CA GLN A 57 -14.28 15.80 8.01
C GLN A 57 -14.95 14.85 9.00
N VAL A 58 -14.13 14.12 9.75
CA VAL A 58 -14.63 13.22 10.80
C VAL A 58 -13.96 13.49 12.13
N SER A 59 -14.55 12.96 13.19
CA SER A 59 -14.06 13.20 14.53
C SER A 59 -14.27 11.94 15.38
N GLY A 60 -13.75 11.96 16.58
CA GLY A 60 -13.88 10.82 17.47
C GLY A 60 -12.87 9.73 17.30
N TRP A 61 -11.85 9.99 16.50
CA TRP A 61 -10.94 8.95 16.06
C TRP A 61 -9.59 9.01 16.73
N TRP A 62 -8.89 7.87 16.66
CA TRP A 62 -7.50 7.82 17.05
C TRP A 62 -6.80 6.74 16.22
N GLN A 63 -5.48 6.85 16.10
CA GLN A 63 -4.68 5.91 15.35
C GLN A 63 -3.25 5.97 15.82
N THR A 64 -2.73 4.80 16.19
CA THR A 64 -1.39 4.66 16.79
CA THR A 64 -1.35 4.72 16.73
C THR A 64 -0.59 3.65 15.97
N ILE A 65 0.61 4.00 15.59
CA ILE A 65 1.55 3.10 14.95
C ILE A 65 2.57 2.61 15.98
N TYR A 66 3.02 1.35 15.87
CA TYR A 66 4.03 0.84 16.80
C TYR A 66 5.02 -0.09 16.14
N HIS A 67 6.21 -0.10 16.74
CA HIS A 67 7.29 -1.00 16.33
C HIS A 67 7.94 -1.54 17.56
N ASN A 68 7.80 -2.84 17.80
CA ASN A 68 8.54 -3.52 18.87
C ASN A 68 9.84 -4.12 18.33
N SER A 69 9.75 -4.76 17.18
CA SER A 69 10.90 -5.25 16.43
C SER A 69 10.50 -5.28 14.95
N ASP A 70 11.44 -5.68 14.09
CA ASP A 70 11.13 -5.79 12.70
C ASP A 70 10.20 -6.97 12.36
N SER A 71 9.95 -7.83 13.34
CA SER A 71 8.97 -8.91 13.20
CA SER A 71 9.02 -8.94 13.25
C SER A 71 7.79 -8.80 14.17
N ASP A 72 7.58 -7.60 14.71
CA ASP A 72 6.49 -7.37 15.66
C ASP A 72 6.18 -5.88 15.65
N MET A 73 5.26 -5.51 14.80
CA MET A 73 4.94 -4.11 14.53
C MET A 73 3.53 -4.03 14.02
N GLY A 74 2.96 -2.83 13.96
CA GLY A 74 1.59 -2.74 13.49
C GLY A 74 0.97 -1.41 13.86
N TRP A 75 -0.34 -1.40 13.97
CA TRP A 75 -1.08 -0.19 14.29
C TRP A 75 -2.47 -0.56 14.82
N VAL A 76 -3.05 0.39 15.54
CA VAL A 76 -4.27 0.26 16.25
CA VAL A 76 -4.33 0.24 16.20
C VAL A 76 -5.12 1.49 15.87
N TRP A 77 -6.42 1.33 15.70
CA TRP A 77 -7.23 2.42 15.21
C TRP A 77 -8.66 2.41 15.75
N ASN A 78 -9.27 3.58 15.67
CA ASN A 78 -10.68 3.75 15.90
C ASN A 78 -11.21 4.87 15.02
N TRP A 79 -12.07 4.51 14.06
CA TRP A 79 -12.56 5.39 13.00
C TRP A 79 -14.11 5.31 13.01
N PRO A 80 -14.77 5.99 13.96
N PRO A 80 -14.76 6.04 13.92
CA PRO A 80 -16.23 5.86 14.00
CA PRO A 80 -16.21 5.95 14.00
C PRO A 80 -16.96 6.60 12.88
C PRO A 80 -16.89 6.64 12.82
N SER A 81 -17.33 5.85 11.84
CA SER A 81 -18.02 6.40 10.68
C SER A 81 -18.63 5.27 9.84
N ASN A 82 -19.75 5.56 9.22
CA ASN A 82 -20.43 4.63 8.33
C ASN A 82 -20.15 4.88 6.85
N THR A 83 -19.37 5.91 6.51
CA THR A 83 -19.32 6.32 5.14
C THR A 83 -18.28 5.55 4.34
N SER A 84 -18.43 5.62 3.01
CA SER A 84 -17.63 4.85 2.07
C SER A 84 -16.32 5.55 1.67
N THR A 85 -15.96 6.63 2.34
CA THR A 85 -14.72 7.30 2.10
C THR A 85 -13.59 6.63 2.91
N VAL A 86 -12.42 6.53 2.33
CA VAL A 86 -11.25 6.06 3.07
C VAL A 86 -10.83 7.15 4.06
N LYS A 87 -10.80 6.81 5.36
CA LYS A 87 -10.39 7.76 6.38
C LYS A 87 -8.89 7.83 6.55
N ALA A 88 -8.24 6.69 6.39
CA ALA A 88 -6.84 6.55 6.76
C ALA A 88 -6.24 5.35 6.05
N TYR A 89 -4.90 5.37 5.90
CA TYR A 89 -4.15 4.24 5.37
C TYR A 89 -2.87 4.11 6.20
N PRO A 90 -3.01 3.76 7.48
CA PRO A 90 -1.80 3.41 8.23
C PRO A 90 -1.09 2.29 7.46
N SER A 91 0.22 2.37 7.37
CA SER A 91 0.94 1.61 6.39
C SER A 91 2.43 1.61 6.66
N ILE A 92 3.11 0.64 6.03
CA ILE A 92 4.56 0.68 5.87
C ILE A 92 4.86 1.19 4.48
N VAL A 93 5.83 2.10 4.37
CA VAL A 93 6.27 2.70 3.10
C VAL A 93 7.67 2.22 2.83
N SER A 94 7.91 1.76 1.61
CA SER A 94 9.24 1.71 0.99
C SER A 94 9.28 2.56 -0.25
N GLY A 95 10.25 3.44 -0.36
CA GLY A 95 10.36 4.34 -1.49
C GLY A 95 9.84 5.70 -1.20
N TRP A 96 9.05 6.21 -2.13
CA TRP A 96 8.53 7.57 -2.09
C TRP A 96 7.12 7.64 -1.48
N HIS A 97 6.77 8.74 -0.81
CA HIS A 97 5.37 9.00 -0.49
C HIS A 97 5.16 10.49 -0.29
N TRP A 98 5.00 11.22 -1.39
CA TRP A 98 4.94 12.69 -1.36
C TRP A 98 6.06 13.23 -0.49
N THR A 99 7.25 12.71 -0.76
CA THR A 99 8.48 13.08 -0.08
C THR A 99 9.46 13.60 -1.12
N GLU A 100 10.49 14.30 -0.65
CA GLU A 100 11.59 14.65 -1.54
CA GLU A 100 11.61 14.67 -1.47
C GLU A 100 12.49 13.45 -1.66
N GLY A 101 12.15 12.57 -2.58
CA GLY A 101 12.90 11.38 -2.81
C GLY A 101 12.33 10.12 -2.18
N TYR A 102 13.20 9.15 -2.03
CA TYR A 102 12.88 7.76 -1.82
C TYR A 102 13.68 7.25 -0.61
N THR A 103 13.11 6.34 0.17
CA THR A 103 13.85 5.83 1.32
C THR A 103 15.16 5.17 0.89
N ALA A 104 16.16 5.38 1.72
CA ALA A 104 17.50 4.87 1.46
C ALA A 104 17.49 3.38 1.34
N GLY A 105 18.13 2.86 0.28
CA GLY A 105 18.26 1.43 0.12
C GLY A 105 17.02 0.71 -0.31
N SER A 106 15.95 1.44 -0.66
CA SER A 106 14.71 0.78 -1.02
C SER A 106 14.78 0.09 -2.37
N GLY A 107 15.64 0.61 -3.23
CA GLY A 107 15.69 0.17 -4.62
C GLY A 107 14.77 0.93 -5.55
N PHE A 108 14.05 1.93 -5.03
CA PHE A 108 13.19 2.79 -5.86
C PHE A 108 13.91 4.09 -6.13
N PRO A 109 13.70 4.70 -7.31
CA PRO A 109 12.78 4.24 -8.36
C PRO A 109 13.39 3.19 -9.25
N THR A 110 12.55 2.34 -9.84
CA THR A 110 12.98 1.34 -10.79
C THR A 110 12.08 1.39 -12.02
N ARG A 111 12.70 1.48 -13.19
CA ARG A 111 11.96 1.62 -14.42
C ARG A 111 11.40 0.27 -14.84
N LEU A 112 10.14 0.21 -15.25
CA LEU A 112 9.57 -1.07 -15.59
C LEU A 112 10.36 -1.79 -16.72
N SER A 113 10.88 -1.01 -17.65
CA SER A 113 11.65 -1.59 -18.76
C SER A 113 12.97 -2.23 -18.33
N ASP A 114 13.43 -1.96 -17.10
CA ASP A 114 14.59 -2.66 -16.54
C ASP A 114 14.27 -4.03 -16.02
N GLN A 115 12.96 -4.33 -15.89
CA GLN A 115 12.45 -5.67 -15.60
CA GLN A 115 12.49 -5.67 -15.62
C GLN A 115 13.02 -6.26 -14.32
N LYS A 116 13.20 -5.42 -13.29
CA LYS A 116 13.61 -5.97 -11.98
CA LYS A 116 13.62 -5.93 -11.96
C LYS A 116 12.49 -6.72 -11.29
N ASN A 117 12.86 -7.75 -10.56
CA ASN A 117 11.93 -8.42 -9.67
C ASN A 117 11.71 -7.46 -8.50
N ILE A 118 10.48 -7.35 -8.06
CA ILE A 118 10.16 -6.55 -6.86
C ILE A 118 9.44 -7.52 -5.92
N ASN A 119 10.24 -8.21 -5.10
CA ASN A 119 9.78 -9.29 -4.29
C ASN A 119 9.29 -8.79 -2.96
N THR A 120 8.05 -9.12 -2.63
CA THR A 120 7.49 -8.73 -1.33
CA THR A 120 7.48 -8.73 -1.33
C THR A 120 7.00 -9.93 -0.55
N LYS A 121 7.18 -9.86 0.78
CA LYS A 121 6.70 -10.86 1.69
C LYS A 121 6.01 -10.12 2.83
N VAL A 122 4.83 -10.59 3.19
CA VAL A 122 4.14 -10.11 4.39
C VAL A 122 3.40 -11.24 5.04
N SER A 123 3.39 -11.21 6.36
CA SER A 123 2.52 -12.03 7.16
CA SER A 123 2.53 -12.03 7.18
C SER A 123 1.94 -11.12 8.24
N TYR A 124 0.63 -11.21 8.42
CA TYR A 124 -0.06 -10.30 9.31
C TYR A 124 -1.33 -10.93 9.88
N SER A 125 -1.89 -10.29 10.89
CA SER A 125 -3.21 -10.62 11.37
CA SER A 125 -3.20 -10.65 11.42
C SER A 125 -3.95 -9.38 11.81
N ILE A 126 -5.22 -9.34 11.50
CA ILE A 126 -6.12 -8.26 11.89
C ILE A 126 -7.20 -8.77 12.83
N SER A 127 -7.50 -8.00 13.88
CA SER A 127 -8.68 -8.18 14.70
CA SER A 127 -8.72 -8.18 14.66
CA SER A 127 -8.72 -8.19 14.63
C SER A 127 -9.39 -6.83 14.71
N ALA A 128 -10.55 -6.74 14.06
CA ALA A 128 -11.23 -5.46 13.88
C ALA A 128 -12.68 -5.68 13.58
N ASN A 129 -13.48 -4.63 13.74
CA ASN A 129 -14.82 -4.60 13.21
C ASN A 129 -14.95 -3.55 12.12
N GLY A 130 -16.14 -3.31 11.61
CA GLY A 130 -16.33 -2.32 10.58
C GLY A 130 -15.87 -2.74 9.20
N THR A 131 -15.31 -1.78 8.46
CA THR A 131 -15.07 -1.85 7.04
C THR A 131 -13.65 -1.41 6.78
N TYR A 132 -12.85 -2.29 6.18
CA TYR A 132 -11.41 -2.05 6.02
C TYR A 132 -10.89 -3.03 4.99
N ASN A 133 -9.65 -2.84 4.60
CA ASN A 133 -8.89 -3.83 3.82
C ASN A 133 -7.48 -3.95 4.35
N ALA A 134 -6.73 -4.91 3.81
CA ALA A 134 -5.28 -4.95 3.94
C ALA A 134 -4.75 -5.02 2.52
N ALA A 135 -3.96 -4.05 2.12
CA ALA A 135 -3.62 -3.88 0.73
C ALA A 135 -2.24 -3.28 0.51
N TYR A 136 -1.53 -3.80 -0.49
CA TYR A 136 -0.40 -3.11 -1.06
C TYR A 136 -0.88 -1.94 -1.87
N ASP A 137 -0.11 -0.86 -1.85
CA ASP A 137 -0.32 0.32 -2.69
C ASP A 137 1.01 0.64 -3.34
N ILE A 138 1.06 0.51 -4.67
CA ILE A 138 2.26 0.69 -5.45
C ILE A 138 2.08 1.92 -6.31
N TRP A 139 2.99 2.89 -6.19
CA TRP A 139 2.89 4.15 -6.90
C TRP A 139 3.87 4.19 -8.05
N LEU A 140 3.41 4.72 -9.19
CA LEU A 140 4.26 4.90 -10.36
C LEU A 140 4.21 6.34 -10.84
N HIS A 141 5.31 6.76 -11.44
CA HIS A 141 5.48 8.10 -12.03
C HIS A 141 6.14 7.96 -13.38
N ASN A 142 6.08 9.05 -14.16
CA ASN A 142 6.95 9.15 -15.33
C ASN A 142 8.39 9.53 -14.96
N THR A 143 8.52 10.36 -13.92
N THR A 143 8.56 10.11 -13.82
CA THR A 143 9.80 10.90 -13.40
CA THR A 143 9.85 10.58 -13.52
C THR A 143 10.52 9.88 -12.47
C THR A 143 10.56 9.64 -12.58
N ASN A 144 11.86 9.80 -12.55
CA ASN A 144 12.70 9.11 -11.57
C ASN A 144 13.23 10.07 -10.52
N LYS A 145 12.67 11.27 -10.45
CA LYS A 145 13.02 12.23 -9.40
C LYS A 145 11.74 12.77 -8.75
N ALA A 146 10.90 11.85 -8.28
CA ALA A 146 9.66 12.21 -7.60
C ALA A 146 9.96 13.01 -6.34
N SER A 147 9.22 14.10 -6.18
CA SER A 147 9.37 15.00 -5.07
C SER A 147 8.06 15.17 -4.31
N TRP A 148 8.02 16.11 -3.39
CA TRP A 148 6.92 16.19 -2.44
C TRP A 148 5.60 16.57 -3.10
N ASP A 149 5.66 17.15 -4.29
CA ASP A 149 4.46 17.56 -5.03
C ASP A 149 4.33 16.84 -6.36
N SER A 150 4.99 15.71 -6.53
CA SER A 150 4.90 14.99 -7.81
C SER A 150 3.70 14.06 -7.80
N ALA A 151 2.64 14.40 -8.53
CA ALA A 151 1.47 13.54 -8.58
C ALA A 151 1.79 12.28 -9.35
N PRO A 152 1.48 11.11 -8.79
CA PRO A 152 1.67 9.86 -9.52
C PRO A 152 0.86 9.79 -10.80
N THR A 153 1.28 8.90 -11.68
CA THR A 153 0.51 8.60 -12.87
C THR A 153 -0.39 7.38 -12.72
N ASP A 154 -0.03 6.46 -11.84
CA ASP A 154 -0.74 5.22 -11.66
C ASP A 154 -0.53 4.70 -10.25
N ALA A 155 -1.56 4.01 -9.77
CA ALA A 155 -1.55 3.25 -8.55
C ALA A 155 -1.94 1.83 -8.85
N ILE A 156 -1.25 0.86 -8.25
CA ILE A 156 -1.65 -0.53 -8.26
C ILE A 156 -1.91 -0.95 -6.82
N MET A 157 -3.07 -1.53 -6.56
CA MET A 157 -3.41 -2.03 -5.25
C MET A 157 -3.56 -3.54 -5.30
N ILE A 158 -3.08 -4.22 -4.27
CA ILE A 158 -3.18 -5.67 -4.16
C ILE A 158 -3.76 -5.95 -2.80
N TRP A 159 -5.03 -6.30 -2.76
CA TRP A 159 -5.75 -6.49 -1.51
C TRP A 159 -5.68 -7.95 -1.06
N LEU A 160 -5.07 -8.16 0.10
CA LEU A 160 -5.01 -9.47 0.74
C LEU A 160 -6.18 -9.69 1.67
N ASN A 161 -6.86 -8.61 2.07
CA ASN A 161 -8.05 -8.69 2.88
C ASN A 161 -9.03 -7.67 2.35
N ASN A 162 -10.29 -8.09 2.18
CA ASN A 162 -11.40 -7.18 1.94
C ASN A 162 -12.44 -7.48 2.99
N THR A 163 -12.76 -6.53 3.88
CA THR A 163 -13.78 -6.70 4.86
C THR A 163 -14.83 -5.62 4.69
N ASN A 164 -15.89 -6.00 3.96
CA ASN A 164 -17.05 -5.17 3.70
C ASN A 164 -16.80 -4.01 2.75
N ALA A 165 -15.66 -4.00 2.10
CA ALA A 165 -15.29 -2.88 1.24
C ALA A 165 -15.37 -3.24 -0.23
N GLY A 166 -14.97 -2.30 -1.05
CA GLY A 166 -14.87 -2.52 -2.48
C GLY A 166 -14.02 -1.43 -3.09
N PRO A 167 -13.41 -1.72 -4.24
CA PRO A 167 -12.43 -0.88 -4.82
C PRO A 167 -12.97 0.22 -5.72
N ALA A 168 -12.06 1.09 -6.15
CA ALA A 168 -12.39 2.13 -7.12
C ALA A 168 -12.47 1.49 -8.50
N GLY A 169 -13.33 2.06 -9.32
CA GLY A 169 -13.42 1.63 -10.71
C GLY A 169 -14.34 0.48 -10.94
N SER A 170 -14.18 -0.16 -12.10
CA SER A 170 -15.10 -1.18 -12.54
CA SER A 170 -15.11 -1.18 -12.54
C SER A 170 -14.40 -2.52 -12.67
N TYR A 171 -15.14 -3.56 -12.38
CA TYR A 171 -14.64 -4.93 -12.47
C TYR A 171 -14.33 -5.32 -13.92
N VAL A 172 -13.16 -5.90 -14.12
CA VAL A 172 -12.68 -6.34 -15.41
C VAL A 172 -12.87 -7.85 -15.58
N GLU A 173 -12.18 -8.61 -14.76
CA GLU A 173 -12.09 -10.05 -14.83
C GLU A 173 -11.35 -10.59 -13.62
N THR A 174 -11.42 -11.91 -13.45
CA THR A 174 -10.66 -12.64 -12.45
C THR A 174 -9.48 -13.30 -13.11
N VAL A 175 -8.31 -13.16 -12.50
CA VAL A 175 -7.04 -13.65 -13.06
C VAL A 175 -6.26 -14.43 -12.02
N SER A 176 -5.46 -15.37 -12.48
CA SER A 176 -4.49 -16.07 -11.62
CA SER A 176 -4.49 -16.06 -11.63
C SER A 176 -3.12 -15.48 -11.88
N ILE A 177 -2.53 -14.85 -10.84
CA ILE A 177 -1.19 -14.30 -10.92
C ILE A 177 -0.47 -14.67 -9.66
N GLY A 178 0.75 -15.18 -9.81
CA GLY A 178 1.61 -15.46 -8.65
C GLY A 178 1.09 -16.58 -7.76
N GLY A 179 0.22 -17.44 -8.30
CA GLY A 179 -0.38 -18.50 -7.52
C GLY A 179 -1.63 -18.18 -6.71
N HIS A 180 -2.16 -16.98 -6.92
CA HIS A 180 -3.37 -16.51 -6.26
C HIS A 180 -4.37 -16.07 -7.34
N SER A 181 -5.65 -16.12 -6.99
CA SER A 181 -6.71 -15.57 -7.85
C SER A 181 -7.13 -14.18 -7.37
N TRP A 182 -7.30 -13.27 -8.33
CA TRP A 182 -7.56 -11.85 -8.07
C TRP A 182 -8.69 -11.36 -8.94
N LYS A 183 -9.62 -10.63 -8.35
CA LYS A 183 -10.59 -9.84 -9.12
C LYS A 183 -9.92 -8.51 -9.47
N VAL A 184 -9.90 -8.17 -10.75
CA VAL A 184 -9.20 -7.01 -11.27
C VAL A 184 -10.19 -5.89 -11.55
N TYR A 185 -9.88 -4.68 -11.09
CA TYR A 185 -10.66 -3.49 -11.29
C TYR A 185 -9.81 -2.38 -11.89
N LYS A 186 -10.43 -1.51 -12.68
CA LYS A 186 -9.74 -0.39 -13.32
C LYS A 186 -10.58 0.87 -13.14
N GLY A 187 -9.97 1.90 -12.59
CA GLY A 187 -10.57 3.20 -12.43
C GLY A 187 -9.57 4.30 -12.59
N TYR A 188 -10.03 5.52 -12.25
CA TYR A 188 -9.22 6.73 -12.35
C TYR A 188 -9.54 7.61 -11.16
N ILE A 189 -8.51 8.07 -10.47
CA ILE A 189 -8.65 8.95 -9.32
C ILE A 189 -8.31 10.37 -9.77
N ASP A 190 -9.28 11.25 -9.67
CA ASP A 190 -9.09 12.67 -9.98
C ASP A 190 -8.59 13.40 -8.74
N ALA A 191 -7.36 13.90 -8.79
CA ALA A 191 -6.71 14.63 -7.69
C ALA A 191 -6.69 16.15 -7.87
N GLY A 192 -7.49 16.65 -8.79
CA GLY A 192 -7.63 18.11 -8.99
C GLY A 192 -6.62 18.68 -9.97
N GLY A 193 -7.04 19.67 -10.76
CA GLY A 193 -6.08 20.43 -11.52
C GLY A 193 -5.43 19.71 -12.68
N GLY A 194 -6.02 18.60 -13.11
CA GLY A 194 -5.40 17.70 -14.08
C GLY A 194 -4.56 16.62 -13.49
N LYS A 195 -4.24 16.73 -12.20
CA LYS A 195 -3.56 15.68 -11.49
C LYS A 195 -4.52 14.52 -11.28
N GLY A 196 -3.99 13.32 -11.38
CA GLY A 196 -4.84 12.14 -11.19
C GLY A 196 -4.16 10.96 -11.78
N TRP A 197 -4.56 9.80 -11.29
CA TRP A 197 -3.88 8.57 -11.65
C TRP A 197 -4.86 7.45 -11.96
N ASN A 198 -4.46 6.58 -12.88
CA ASN A 198 -5.13 5.30 -13.00
C ASN A 198 -5.01 4.54 -11.71
N VAL A 199 -6.02 3.72 -11.39
CA VAL A 199 -5.92 2.82 -10.26
C VAL A 199 -6.35 1.43 -10.72
N PHE A 200 -5.45 0.48 -10.54
CA PHE A 200 -5.66 -0.89 -10.88
C PHE A 200 -5.63 -1.70 -9.60
N SER A 201 -6.75 -2.32 -9.27
CA SER A 201 -6.87 -3.06 -8.00
C SER A 201 -7.04 -4.52 -8.27
N PHE A 202 -6.28 -5.32 -7.54
CA PHE A 202 -6.33 -6.77 -7.54
C PHE A 202 -6.80 -7.25 -6.17
N ILE A 203 -8.00 -7.80 -6.12
CA ILE A 203 -8.62 -8.22 -4.84
C ILE A 203 -8.63 -9.71 -4.74
N ARG A 204 -7.92 -10.25 -3.78
CA ARG A 204 -7.84 -11.72 -3.69
C ARG A 204 -9.21 -12.29 -3.52
N THR A 205 -9.50 -13.44 -4.16
CA THR A 205 -10.88 -13.94 -4.14
C THR A 205 -11.31 -14.45 -2.77
N ALA A 206 -10.33 -14.74 -1.90
CA ALA A 206 -10.57 -15.00 -0.47
C ALA A 206 -9.45 -14.31 0.28
N ASN A 207 -9.72 -13.92 1.53
CA ASN A 207 -8.70 -13.26 2.32
C ASN A 207 -7.56 -14.20 2.65
N THR A 208 -6.36 -13.64 2.78
CA THR A 208 -5.21 -14.38 3.26
C THR A 208 -4.38 -13.55 4.21
N GLN A 209 -3.72 -14.21 5.15
CA GLN A 209 -2.83 -13.56 6.11
C GLN A 209 -1.39 -13.54 5.73
N SER A 210 -1.00 -14.14 4.59
CA SER A 210 0.37 -14.09 4.18
C SER A 210 0.47 -14.19 2.67
N ALA A 211 1.47 -13.56 2.10
CA ALA A 211 1.72 -13.67 0.68
C ALA A 211 3.16 -13.36 0.37
N ASN A 212 3.64 -14.01 -0.67
CA ASN A 212 4.94 -13.79 -1.24
C ASN A 212 4.68 -13.48 -2.71
N LEU A 213 4.85 -12.23 -3.09
CA LEU A 213 4.48 -11.74 -4.42
C LEU A 213 5.65 -11.08 -5.13
N ASN A 214 5.62 -11.10 -6.46
CA ASN A 214 6.54 -10.33 -7.25
C ASN A 214 5.73 -9.28 -7.99
N ILE A 215 5.92 -8.02 -7.64
CA ILE A 215 5.12 -6.94 -8.25
C ILE A 215 5.26 -6.95 -9.77
N ARG A 216 6.40 -7.42 -10.27
CA ARG A 216 6.60 -7.49 -11.71
C ARG A 216 5.58 -8.38 -12.39
N ASP A 217 5.08 -9.40 -11.72
CA ASP A 217 4.03 -10.23 -12.32
C ASP A 217 2.78 -9.39 -12.61
N PHE A 218 2.46 -8.47 -11.71
CA PHE A 218 1.28 -7.62 -11.83
C PHE A 218 1.50 -6.52 -12.86
N THR A 219 2.64 -5.86 -12.86
CA THR A 219 2.90 -4.83 -13.87
C THR A 219 3.03 -5.46 -15.27
N ASN A 220 3.61 -6.66 -15.37
CA ASN A 220 3.63 -7.35 -16.70
C ASN A 220 2.22 -7.67 -17.19
N TYR A 221 1.32 -8.07 -16.31
CA TYR A 221 -0.09 -8.29 -16.71
C TYR A 221 -0.65 -6.98 -17.24
N LEU A 222 -0.49 -5.90 -16.50
CA LEU A 222 -1.08 -4.63 -16.93
C LEU A 222 -0.47 -4.10 -18.24
N ALA A 223 0.85 -4.26 -18.40
CA ALA A 223 1.54 -3.75 -19.57
C ALA A 223 1.38 -4.66 -20.77
N ASP A 224 1.72 -5.93 -20.60
CA ASP A 224 1.82 -6.84 -21.77
C ASP A 224 0.49 -7.51 -22.07
N SER A 225 -0.31 -7.84 -21.07
CA SER A 225 -1.59 -8.53 -21.34
CA SER A 225 -1.59 -8.54 -21.28
C SER A 225 -2.71 -7.55 -21.61
N LYS A 226 -2.78 -6.44 -20.88
CA LYS A 226 -3.91 -5.51 -21.02
C LYS A 226 -3.60 -4.23 -21.80
N GLN A 227 -2.32 -3.94 -22.04
CA GLN A 227 -1.89 -2.70 -22.69
C GLN A 227 -2.40 -1.43 -22.00
N TRP A 228 -2.33 -1.46 -20.66
CA TRP A 228 -2.77 -0.37 -19.81
C TRP A 228 -1.66 0.38 -19.10
N LEU A 229 -0.41 -0.02 -19.29
CA LEU A 229 0.70 0.56 -18.57
C LEU A 229 1.94 0.51 -19.45
N SER A 230 2.58 1.66 -19.61
CA SER A 230 3.82 1.75 -20.35
C SER A 230 5.02 1.34 -19.53
N LYS A 231 5.94 0.57 -20.10
CA LYS A 231 7.15 0.20 -19.34
C LYS A 231 8.19 1.32 -19.26
N THR A 232 7.90 2.49 -19.83
CA THR A 232 8.72 3.67 -19.58
C THR A 232 8.51 4.21 -18.13
N LYS A 233 7.44 3.81 -17.48
CA LYS A 233 7.17 4.35 -16.16
CA LYS A 233 7.08 4.25 -16.13
C LYS A 233 8.05 3.70 -15.09
N TYR A 234 8.19 4.45 -14.02
CA TYR A 234 8.98 4.02 -12.86
C TYR A 234 8.10 3.61 -11.72
N VAL A 235 8.46 2.50 -11.06
CA VAL A 235 7.87 2.21 -9.75
C VAL A 235 8.58 3.07 -8.70
N SER A 236 7.80 3.86 -7.99
CA SER A 236 8.30 4.83 -7.02
C SER A 236 8.21 4.34 -5.57
N SER A 237 7.29 3.44 -5.29
CA SER A 237 6.92 3.07 -3.92
C SER A 237 6.26 1.72 -3.91
N VAL A 238 6.49 0.93 -2.85
CA VAL A 238 5.65 -0.19 -2.47
C VAL A 238 5.30 0.03 -1.01
N GLU A 239 4.01 0.11 -0.77
CA GLU A 239 3.46 0.34 0.56
C GLU A 239 2.53 -0.81 0.92
N PHE A 240 2.36 -1.10 2.19
CA PHE A 240 1.38 -2.09 2.64
C PHE A 240 0.67 -1.52 3.84
N GLY A 241 -0.65 -1.55 3.82
CA GLY A 241 -1.38 -1.04 4.97
C GLY A 241 -2.83 -1.40 4.95
N THR A 242 -3.59 -0.78 5.83
CA THR A 242 -5.02 -1.03 5.92
C THR A 242 -5.76 0.24 5.61
N GLU A 243 -6.52 0.29 4.51
CA GLU A 243 -7.46 1.40 4.34
C GLU A 243 -8.62 1.16 5.26
N VAL A 244 -8.94 2.15 6.10
CA VAL A 244 -10.02 2.02 7.04
C VAL A 244 -11.12 3.01 6.66
N PHE A 245 -12.34 2.48 6.47
CA PHE A 245 -13.52 3.23 6.17
C PHE A 245 -14.28 3.54 7.46
N GLY A 246 -14.35 2.56 8.34
CA GLY A 246 -14.93 2.76 9.66
C GLY A 246 -14.67 1.58 10.55
N GLY A 247 -14.78 1.79 11.86
CA GLY A 247 -14.60 0.72 12.82
C GLY A 247 -13.32 0.84 13.63
N THR A 248 -13.11 -0.16 14.48
CA THR A 248 -12.00 -0.16 15.40
C THR A 248 -11.31 -1.50 15.35
N GLY A 249 -9.99 -1.49 15.56
CA GLY A 249 -9.24 -2.73 15.58
C GLY A 249 -7.76 -2.51 15.49
N GLN A 250 -7.03 -3.53 15.06
CA GLN A 250 -5.62 -3.47 14.95
C GLN A 250 -5.11 -4.49 13.97
N ILE A 251 -3.90 -4.24 13.50
CA ILE A 251 -3.11 -5.21 12.75
C ILE A 251 -1.80 -5.43 13.46
N ASN A 252 -1.28 -6.64 13.32
CA ASN A 252 0.08 -6.95 13.71
C ASN A 252 0.73 -7.63 12.54
N ILE A 253 1.94 -7.21 12.22
CA ILE A 253 2.74 -7.73 11.15
C ILE A 253 3.92 -8.48 11.74
N SER A 254 4.09 -9.75 11.32
CA SER A 254 5.09 -10.66 11.86
C SER A 254 6.22 -10.94 10.87
N ASN A 255 6.05 -10.53 9.61
CA ASN A 255 7.08 -10.65 8.60
C ASN A 255 6.86 -9.58 7.56
N TRP A 256 7.93 -8.95 7.14
CA TRP A 256 7.87 -7.88 6.15
C TRP A 256 9.16 -7.72 5.40
N ASP A 257 9.09 -7.66 4.07
CA ASP A 257 10.20 -7.11 3.31
CA ASP A 257 10.24 -7.34 3.24
C ASP A 257 9.77 -6.82 1.89
N VAL A 258 10.47 -5.85 1.31
CA VAL A 258 10.36 -5.55 -0.13
C VAL A 258 11.73 -5.35 -0.66
N THR A 259 12.08 -6.14 -1.68
CA THR A 259 13.43 -6.07 -2.25
CA THR A 259 13.41 -5.99 -2.27
C THR A 259 13.37 -6.00 -3.77
N VAL A 260 14.07 -5.04 -4.32
CA VAL A 260 14.19 -4.87 -5.76
C VAL A 260 15.50 -5.53 -6.18
N ARG A 261 15.40 -6.53 -7.06
CA ARG A 261 16.53 -7.36 -7.51
C ARG A 261 16.56 -7.33 -9.01
#